data_5MFK
#
_entry.id   5MFK
#
_cell.length_a   67.470
_cell.length_b   51.920
_cell.length_c   69.680
_cell.angle_alpha   90.00
_cell.angle_beta   112.58
_cell.angle_gamma   90.00
#
_symmetry.space_group_name_H-M   'P 1 21 1'
#
loop_
_entity.id
_entity.type
_entity.pdbx_description
1 polymer YIII(Dq.V1)4CPAF
2 polymer (KR)4
3 water water
#
loop_
_entity_poly.entity_id
_entity_poly.type
_entity_poly.pdbx_seq_one_letter_code
_entity_poly.pdbx_strand_id
1 'polypeptide(L)'
;GPGSELPQMVQQLNSPDQQELQSALRKLSQIASGGNEQIQKLIEAGALSPLVKLLDDASEEVIKEAVWAIANIASGNNEQ
IQKLIEAGALSPLVKLLDDASEEVIKEAVWAIANIASGNNEQIQKLIEAGALSPLVKLLDDASEEVIKEAVWAIANIASG
NNEQIQKLIEAGALSPLVKLLDDASEEVIKEAVWAIANIASGNNEMKQKLEEAGALPALEKLQSHANEEVQKNAQAALEA
FNS
;
A,B
2 'polypeptide(L)' KRKRKRKR C,D
#
# COMPACT_ATOMS: atom_id res chain seq x y z
N SER A 4 -14.88 4.12 32.90
CA SER A 4 -14.97 3.43 34.19
C SER A 4 -15.91 2.21 34.15
N GLU A 5 -17.22 2.44 33.93
CA GLU A 5 -18.23 1.38 33.88
C GLU A 5 -18.66 1.08 32.43
N LEU A 6 -17.67 0.76 31.59
CA LEU A 6 -17.79 0.43 30.18
C LEU A 6 -18.81 -0.69 29.86
N PRO A 7 -18.81 -1.87 30.54
CA PRO A 7 -19.83 -2.90 30.19
C PRO A 7 -21.29 -2.45 30.35
N GLN A 8 -21.59 -1.60 31.35
CA GLN A 8 -22.96 -1.09 31.53
C GLN A 8 -23.32 -0.11 30.40
N MET A 9 -22.37 0.75 29.97
N MET A 9 -22.36 0.73 29.99
CA MET A 9 -22.58 1.69 28.87
CA MET A 9 -22.46 1.70 28.90
C MET A 9 -22.79 0.94 27.55
C MET A 9 -22.74 0.97 27.58
N VAL A 10 -22.08 -0.19 27.36
CA VAL A 10 -22.20 -1.04 26.17
C VAL A 10 -23.60 -1.68 26.17
N GLN A 11 -24.08 -2.09 27.35
CA GLN A 11 -25.42 -2.65 27.57
C GLN A 11 -26.48 -1.60 27.25
N GLN A 12 -26.25 -0.34 27.71
CA GLN A 12 -27.13 0.82 27.49
C GLN A 12 -27.25 1.23 26.01
N LEU A 13 -26.40 0.65 25.14
CA LEU A 13 -26.40 0.85 23.69
C LEU A 13 -27.58 0.11 23.04
N ASN A 14 -28.25 -0.77 23.81
CA ASN A 14 -29.39 -1.58 23.41
C ASN A 14 -30.68 -1.11 24.13
N SER A 15 -30.56 -0.07 24.98
CA SER A 15 -31.66 0.53 25.73
C SER A 15 -32.72 1.16 24.81
N PRO A 16 -34.03 0.86 25.03
CA PRO A 16 -35.08 1.46 24.18
C PRO A 16 -35.19 2.97 24.39
N ASP A 17 -34.88 3.44 25.63
CA ASP A 17 -34.84 4.84 26.05
C ASP A 17 -33.70 5.53 25.30
N GLN A 18 -34.04 6.49 24.41
CA GLN A 18 -33.07 7.22 23.58
C GLN A 18 -32.17 8.18 24.38
N GLN A 19 -32.64 8.67 25.54
CA GLN A 19 -31.87 9.54 26.43
C GLN A 19 -30.69 8.74 26.98
N GLU A 20 -30.98 7.53 27.53
CA GLU A 20 -30.03 6.59 28.10
C GLU A 20 -29.02 6.11 27.02
N LEU A 21 -29.54 5.83 25.80
CA LEU A 21 -28.77 5.41 24.65
C LEU A 21 -27.78 6.51 24.23
N GLN A 22 -28.26 7.74 24.03
CA GLN A 22 -27.42 8.89 23.65
C GLN A 22 -26.37 9.20 24.74
N SER A 23 -26.74 9.00 26.02
CA SER A 23 -25.85 9.19 27.17
C SER A 23 -24.69 8.18 27.07
N ALA A 24 -25.02 6.92 26.73
CA ALA A 24 -24.04 5.86 26.55
C ALA A 24 -23.18 6.15 25.32
N LEU A 25 -23.82 6.61 24.22
CA LEU A 25 -23.12 6.95 22.97
C LEU A 25 -22.13 8.09 23.16
N ARG A 26 -22.47 9.10 23.96
CA ARG A 26 -21.56 10.22 24.23
C ARG A 26 -20.33 9.76 25.03
N LYS A 27 -20.54 8.95 26.08
CA LYS A 27 -19.45 8.44 26.93
C LYS A 27 -18.49 7.57 26.11
N LEU A 28 -19.06 6.68 25.29
CA LEU A 28 -18.39 5.76 24.39
C LEU A 28 -17.54 6.51 23.36
N SER A 29 -18.11 7.59 22.78
CA SER A 29 -17.45 8.44 21.78
C SER A 29 -16.26 9.18 22.38
N GLN A 30 -16.35 9.63 23.63
CA GLN A 30 -15.26 10.30 24.34
C GLN A 30 -14.08 9.35 24.55
N ILE A 31 -14.38 8.05 24.81
CA ILE A 31 -13.35 7.03 24.96
C ILE A 31 -12.71 6.72 23.61
N ALA A 32 -13.56 6.56 22.56
CA ALA A 32 -13.11 6.28 21.19
C ALA A 32 -12.14 7.33 20.64
N SER A 33 -12.27 8.59 21.07
CA SER A 33 -11.37 9.68 20.65
C SER A 33 -10.19 9.91 21.60
N GLY A 34 -10.03 9.06 22.61
CA GLY A 34 -8.96 9.19 23.59
C GLY A 34 -7.68 8.44 23.29
N GLY A 35 -7.48 8.05 22.04
CA GLY A 35 -6.29 7.31 21.64
C GLY A 35 -6.48 5.80 21.63
N ASN A 36 -5.47 5.07 21.12
CA ASN A 36 -5.48 3.61 20.94
C ASN A 36 -5.63 2.80 22.24
N GLU A 37 -5.08 3.27 23.37
CA GLU A 37 -5.23 2.55 24.65
C GLU A 37 -6.69 2.62 25.10
N GLN A 38 -7.37 3.74 24.82
CA GLN A 38 -8.78 3.95 25.15
C GLN A 38 -9.67 3.13 24.22
N ILE A 39 -9.33 3.11 22.92
CA ILE A 39 -10.02 2.33 21.89
C ILE A 39 -9.93 0.84 22.29
N GLN A 40 -8.76 0.39 22.77
CA GLN A 40 -8.56 -0.99 23.22
C GLN A 40 -9.52 -1.37 24.34
N LYS A 41 -9.78 -0.42 25.27
CA LYS A 41 -10.75 -0.60 26.36
C LYS A 41 -12.17 -0.79 25.77
N LEU A 42 -12.50 -0.10 24.67
CA LEU A 42 -13.80 -0.27 24.01
C LEU A 42 -13.91 -1.65 23.39
N ILE A 43 -12.81 -2.12 22.79
CA ILE A 43 -12.73 -3.43 22.17
C ILE A 43 -12.87 -4.53 23.24
N GLU A 44 -12.07 -4.44 24.34
CA GLU A 44 -12.12 -5.43 25.43
C GLU A 44 -13.49 -5.49 26.11
N ALA A 45 -14.27 -4.40 26.05
CA ALA A 45 -15.61 -4.35 26.64
C ALA A 45 -16.71 -4.85 25.66
N GLY A 46 -16.31 -5.24 24.45
CA GLY A 46 -17.23 -5.74 23.44
C GLY A 46 -18.17 -4.68 22.91
N ALA A 47 -17.68 -3.44 22.80
CA ALA A 47 -18.45 -2.27 22.35
C ALA A 47 -18.72 -2.22 20.86
N LEU A 48 -17.81 -2.77 20.04
CA LEU A 48 -17.82 -2.69 18.59
C LEU A 48 -19.06 -3.28 17.91
N SER A 49 -19.46 -4.53 18.23
CA SER A 49 -20.66 -5.14 17.61
C SER A 49 -21.93 -4.32 17.94
N PRO A 50 -22.27 -4.02 19.23
CA PRO A 50 -23.44 -3.16 19.51
C PRO A 50 -23.39 -1.81 18.79
N LEU A 51 -22.18 -1.24 18.65
CA LEU A 51 -21.96 0.03 17.99
C LEU A 51 -22.32 -0.02 16.51
N VAL A 52 -21.84 -1.05 15.79
CA VAL A 52 -22.09 -1.27 14.37
C VAL A 52 -23.60 -1.47 14.13
N LYS A 53 -24.28 -2.21 15.02
CA LYS A 53 -25.72 -2.48 14.96
C LYS A 53 -26.59 -1.22 14.97
N LEU A 54 -26.06 -0.12 15.52
CA LEU A 54 -26.75 1.18 15.57
C LEU A 54 -26.74 1.91 14.22
N LEU A 55 -25.93 1.43 13.25
CA LEU A 55 -25.90 2.05 11.92
C LEU A 55 -27.19 1.73 11.16
N ASP A 56 -27.91 0.69 11.62
CA ASP A 56 -29.23 0.24 11.15
C ASP A 56 -30.23 0.65 12.26
N ASP A 57 -30.42 1.97 12.44
CA ASP A 57 -31.28 2.56 13.48
C ASP A 57 -32.25 3.58 12.89
N ALA A 58 -33.44 3.70 13.51
CA ALA A 58 -34.50 4.63 13.10
C ALA A 58 -34.06 6.11 13.20
N SER A 59 -33.31 6.46 14.26
CA SER A 59 -32.83 7.83 14.49
C SER A 59 -31.54 8.11 13.75
N GLU A 60 -31.57 9.16 12.90
CA GLU A 60 -30.45 9.66 12.12
C GLU A 60 -29.36 10.19 13.05
N GLU A 61 -29.77 10.81 14.17
CA GLU A 61 -28.87 11.36 15.20
C GLU A 61 -28.07 10.25 15.90
N VAL A 62 -28.72 9.11 16.17
CA VAL A 62 -28.07 7.95 16.78
C VAL A 62 -27.02 7.40 15.79
N ILE A 63 -27.39 7.33 14.49
CA ILE A 63 -26.50 6.88 13.42
C ILE A 63 -25.29 7.82 13.36
N LYS A 64 -25.55 9.13 13.35
CA LYS A 64 -24.54 10.19 13.31
C LYS A 64 -23.58 10.07 14.50
N GLU A 65 -24.11 9.84 15.70
CA GLU A 65 -23.31 9.66 16.91
C GLU A 65 -22.47 8.37 16.88
N ALA A 66 -23.06 7.27 16.40
CA ALA A 66 -22.38 5.98 16.31
C ALA A 66 -21.28 5.98 15.24
N VAL A 67 -21.50 6.67 14.09
CA VAL A 67 -20.49 6.75 13.02
C VAL A 67 -19.32 7.60 13.49
N TRP A 68 -19.59 8.68 14.26
CA TRP A 68 -18.54 9.53 14.82
C TRP A 68 -17.60 8.66 15.67
N ALA A 69 -18.16 7.82 16.55
CA ALA A 69 -17.41 6.88 17.38
C ALA A 69 -16.66 5.83 16.53
N ILE A 70 -17.29 5.29 15.47
CA ILE A 70 -16.67 4.30 14.56
C ILE A 70 -15.46 4.92 13.85
N ALA A 71 -15.60 6.16 13.35
CA ALA A 71 -14.55 6.94 12.68
C ALA A 71 -13.32 7.13 13.59
N ASN A 72 -13.55 7.38 14.89
CA ASN A 72 -12.52 7.50 15.92
C ASN A 72 -11.88 6.16 16.26
N ILE A 73 -12.66 5.05 16.27
CA ILE A 73 -12.11 3.70 16.50
C ILE A 73 -11.25 3.28 15.28
N ALA A 74 -11.69 3.66 14.07
CA ALA A 74 -11.00 3.38 12.80
C ALA A 74 -9.65 4.09 12.70
N SER A 75 -9.39 5.04 13.63
CA SER A 75 -8.11 5.75 13.72
C SER A 75 -7.13 5.02 14.64
N GLY A 76 -7.49 3.80 15.08
CA GLY A 76 -6.63 3.01 15.95
C GLY A 76 -5.54 2.34 15.15
N ASN A 77 -4.86 1.35 15.74
CA ASN A 77 -3.81 0.62 15.02
C ASN A 77 -4.47 -0.40 14.07
N ASN A 78 -3.69 -1.05 13.20
CA ASN A 78 -4.19 -2.02 12.22
C ASN A 78 -4.97 -3.18 12.85
N GLU A 79 -4.58 -3.60 14.05
CA GLU A 79 -5.24 -4.68 14.79
C GLU A 79 -6.63 -4.21 15.26
N GLN A 80 -6.73 -2.92 15.63
CA GLN A 80 -8.00 -2.33 16.09
C GLN A 80 -8.96 -2.11 14.93
N ILE A 81 -8.40 -1.74 13.75
CA ILE A 81 -9.16 -1.56 12.50
C ILE A 81 -9.72 -2.93 12.11
N GLN A 82 -8.90 -3.98 12.24
CA GLN A 82 -9.30 -5.37 11.93
C GLN A 82 -10.49 -5.81 12.78
N LYS A 83 -10.49 -5.47 14.08
CA LYS A 83 -11.59 -5.78 15.01
C LYS A 83 -12.86 -5.04 14.57
N LEU A 84 -12.71 -3.81 14.03
CA LEU A 84 -13.85 -3.04 13.51
C LEU A 84 -14.45 -3.71 12.26
N ILE A 85 -13.59 -4.24 11.37
CA ILE A 85 -14.04 -4.95 10.17
C ILE A 85 -14.73 -6.25 10.58
N GLU A 86 -14.13 -7.03 11.52
CA GLU A 86 -14.68 -8.29 12.05
C GLU A 86 -16.06 -8.08 12.69
N ALA A 87 -16.32 -6.87 13.27
CA ALA A 87 -17.61 -6.48 13.88
C ALA A 87 -18.67 -6.16 12.78
N GLY A 88 -18.24 -6.25 11.51
CA GLY A 88 -19.07 -6.02 10.33
C GLY A 88 -19.41 -4.58 10.02
N ALA A 89 -18.47 -3.66 10.27
CA ALA A 89 -18.66 -2.22 10.05
C ALA A 89 -18.69 -1.76 8.58
N LEU A 90 -17.99 -2.45 7.68
CA LEU A 90 -17.83 -2.05 6.27
C LEU A 90 -19.13 -1.92 5.48
N SER A 91 -19.97 -2.97 5.45
CA SER A 91 -21.26 -2.93 4.74
C SER A 91 -22.17 -1.79 5.25
N PRO A 92 -22.46 -1.64 6.58
CA PRO A 92 -23.28 -0.50 7.03
C PRO A 92 -22.67 0.85 6.67
N LEU A 93 -21.33 0.99 6.68
CA LEU A 93 -20.64 2.23 6.32
C LEU A 93 -20.80 2.56 4.83
N VAL A 94 -20.62 1.55 3.95
CA VAL A 94 -20.75 1.68 2.50
C VAL A 94 -22.20 2.08 2.12
N LYS A 95 -23.21 1.43 2.74
CA LYS A 95 -24.64 1.75 2.57
C LYS A 95 -24.93 3.21 2.91
N LEU A 96 -24.25 3.75 3.94
CA LEU A 96 -24.40 5.12 4.41
C LEU A 96 -23.84 6.20 3.45
N LEU A 97 -23.05 5.81 2.44
CA LEU A 97 -22.50 6.78 1.47
C LEU A 97 -23.57 7.32 0.51
N ASP A 98 -24.80 6.78 0.63
CA ASP A 98 -25.98 7.15 -0.18
C ASP A 98 -27.14 7.57 0.75
N ASP A 99 -26.83 7.86 2.03
CA ASP A 99 -27.78 8.28 3.07
C ASP A 99 -28.35 9.67 2.78
N ALA A 100 -29.55 9.97 3.31
CA ALA A 100 -30.22 11.26 3.11
C ALA A 100 -29.48 12.43 3.80
N SER A 101 -28.71 12.13 4.87
CA SER A 101 -27.98 13.13 5.65
C SER A 101 -26.53 13.31 5.19
N GLU A 102 -26.17 14.56 4.81
CA GLU A 102 -24.84 14.97 4.38
C GLU A 102 -23.83 14.80 5.52
N GLU A 103 -24.23 15.13 6.78
CA GLU A 103 -23.40 15.00 7.98
C GLU A 103 -23.05 13.53 8.28
N VAL A 104 -23.96 12.59 7.95
CA VAL A 104 -23.76 11.16 8.14
C VAL A 104 -22.77 10.67 7.06
N ILE A 105 -22.94 11.15 5.80
CA ILE A 105 -22.06 10.80 4.68
C ILE A 105 -20.63 11.19 5.02
N LYS A 106 -20.43 12.42 5.48
CA LYS A 106 -19.14 13.00 5.89
C LYS A 106 -18.42 12.10 6.91
N GLU A 107 -19.15 11.63 7.93
CA GLU A 107 -18.61 10.78 8.98
C GLU A 107 -18.32 9.36 8.49
N ALA A 108 -19.19 8.82 7.60
CA ALA A 108 -18.99 7.48 7.02
C ALA A 108 -17.76 7.50 6.11
N VAL A 109 -17.55 8.60 5.37
CA VAL A 109 -16.37 8.75 4.51
C VAL A 109 -15.13 8.88 5.39
N TRP A 110 -15.25 9.62 6.50
CA TRP A 110 -14.19 9.81 7.50
C TRP A 110 -13.78 8.45 8.08
N ALA A 111 -14.77 7.59 8.44
CA ALA A 111 -14.54 6.24 8.96
C ALA A 111 -13.84 5.34 7.93
N ILE A 112 -14.32 5.35 6.67
CA ILE A 112 -13.75 4.62 5.53
C ILE A 112 -12.30 5.12 5.26
N ALA A 113 -12.04 6.44 5.33
CA ALA A 113 -10.71 7.03 5.13
C ALA A 113 -9.73 6.52 6.18
N ASN A 114 -10.21 6.39 7.42
CA ASN A 114 -9.42 5.85 8.53
C ASN A 114 -9.18 4.35 8.36
N ILE A 115 -10.19 3.59 7.89
CA ILE A 115 -10.04 2.16 7.62
C ILE A 115 -8.99 1.96 6.51
N ALA A 116 -9.02 2.83 5.47
CA ALA A 116 -8.11 2.80 4.33
C ALA A 116 -6.67 3.21 4.70
N SER A 117 -6.45 3.78 5.91
CA SER A 117 -5.13 4.15 6.39
C SER A 117 -4.46 2.94 7.09
N GLY A 118 -5.19 1.83 7.14
CA GLY A 118 -4.73 0.55 7.64
C GLY A 118 -3.91 -0.17 6.58
N ASN A 119 -3.60 -1.45 6.78
CA ASN A 119 -2.82 -2.22 5.81
C ASN A 119 -3.59 -2.54 4.51
N ASN A 120 -2.91 -3.13 3.52
CA ASN A 120 -3.50 -3.45 2.23
C ASN A 120 -4.59 -4.52 2.29
N GLU A 121 -4.57 -5.38 3.31
CA GLU A 121 -5.61 -6.40 3.51
C GLU A 121 -6.92 -5.69 3.90
N GLN A 122 -6.83 -4.63 4.70
CA GLN A 122 -7.97 -3.83 5.15
C GLN A 122 -8.47 -2.93 4.02
N ILE A 123 -7.57 -2.55 3.08
CA ILE A 123 -7.95 -1.77 1.90
C ILE A 123 -8.74 -2.71 0.98
N GLN A 124 -8.29 -3.97 0.87
CA GLN A 124 -8.92 -5.01 0.07
C GLN A 124 -10.32 -5.32 0.57
N LYS A 125 -10.51 -5.30 1.90
CA LYS A 125 -11.80 -5.51 2.56
C LYS A 125 -12.78 -4.40 2.19
N LEU A 126 -12.31 -3.14 2.10
CA LEU A 126 -13.12 -1.98 1.70
C LEU A 126 -13.56 -2.13 0.25
N ILE A 127 -12.62 -2.57 -0.62
CA ILE A 127 -12.85 -2.81 -2.05
C ILE A 127 -13.91 -3.88 -2.24
N GLU A 128 -13.84 -4.98 -1.44
CA GLU A 128 -14.79 -6.11 -1.50
C GLU A 128 -16.18 -5.72 -1.00
N ALA A 129 -16.26 -4.73 -0.09
CA ALA A 129 -17.51 -4.18 0.46
C ALA A 129 -18.13 -3.17 -0.53
N GLY A 130 -17.44 -2.96 -1.66
CA GLY A 130 -17.85 -2.06 -2.72
C GLY A 130 -17.81 -0.59 -2.37
N ALA A 131 -16.75 -0.13 -1.69
CA ALA A 131 -16.61 1.27 -1.30
C ALA A 131 -16.16 2.19 -2.43
N LEU A 132 -15.41 1.66 -3.43
CA LEU A 132 -14.83 2.44 -4.53
C LEU A 132 -15.85 3.24 -5.36
N SER A 133 -16.89 2.60 -5.92
CA SER A 133 -17.91 3.28 -6.74
C SER A 133 -18.61 4.42 -5.96
N PRO A 134 -19.25 4.22 -4.78
CA PRO A 134 -19.85 5.37 -4.08
C PRO A 134 -18.85 6.47 -3.66
N LEU A 135 -17.56 6.11 -3.39
CA LEU A 135 -16.53 7.09 -3.04
C LEU A 135 -16.19 7.98 -4.25
N VAL A 136 -16.05 7.38 -5.43
CA VAL A 136 -15.75 8.07 -6.69
C VAL A 136 -16.94 8.99 -7.01
N LYS A 137 -18.18 8.48 -6.85
CA LYS A 137 -19.42 9.24 -7.04
C LYS A 137 -19.42 10.51 -6.19
N LEU A 138 -18.87 10.44 -4.97
CA LEU A 138 -18.78 11.56 -4.04
C LEU A 138 -17.72 12.61 -4.40
N LEU A 139 -16.85 12.34 -5.40
CA LEU A 139 -15.82 13.29 -5.84
C LEU A 139 -16.39 14.51 -6.60
N ASP A 140 -17.72 14.52 -6.84
CA ASP A 140 -18.45 15.61 -7.49
C ASP A 140 -19.73 16.02 -6.74
N ASP A 141 -20.04 15.33 -5.62
CA ASP A 141 -21.24 15.59 -4.81
C ASP A 141 -21.17 16.87 -3.98
N ALA A 142 -21.75 17.96 -4.55
CA ALA A 142 -21.94 19.35 -4.09
C ALA A 142 -21.00 19.86 -2.97
N SER A 143 -21.10 19.27 -1.76
CA SER A 143 -20.33 19.65 -0.57
C SER A 143 -18.82 19.46 -0.71
N GLU A 144 -18.07 20.58 -0.55
CA GLU A 144 -16.60 20.66 -0.57
C GLU A 144 -16.05 19.82 0.58
N GLU A 145 -16.76 19.84 1.72
CA GLU A 145 -16.45 19.12 2.95
C GLU A 145 -16.57 17.60 2.73
N VAL A 146 -17.52 17.18 1.88
CA VAL A 146 -17.73 15.77 1.53
C VAL A 146 -16.61 15.35 0.58
N ILE A 147 -16.33 16.17 -0.46
CA ILE A 147 -15.25 15.95 -1.42
C ILE A 147 -13.92 15.79 -0.65
N LYS A 148 -13.68 16.70 0.33
CA LYS A 148 -12.51 16.72 1.22
C LYS A 148 -12.31 15.36 1.92
N GLU A 149 -13.41 14.74 2.35
CA GLU A 149 -13.39 13.43 2.99
C GLU A 149 -13.11 12.32 1.96
N ALA A 150 -13.82 12.38 0.82
CA ALA A 150 -13.72 11.40 -0.26
C ALA A 150 -12.33 11.30 -0.86
N VAL A 151 -11.68 12.45 -1.14
CA VAL A 151 -10.32 12.48 -1.70
C VAL A 151 -9.34 11.81 -0.75
N TRP A 152 -9.49 12.08 0.57
CA TRP A 152 -8.64 11.52 1.62
C TRP A 152 -8.71 9.99 1.59
N ALA A 153 -9.95 9.44 1.53
CA ALA A 153 -10.22 8.01 1.46
C ALA A 153 -9.55 7.42 0.22
N ILE A 154 -9.71 8.09 -0.93
CA ILE A 154 -9.16 7.63 -2.21
C ILE A 154 -7.62 7.68 -2.18
N ALA A 155 -7.03 8.73 -1.59
CA ALA A 155 -5.58 8.87 -1.46
C ALA A 155 -4.99 7.71 -0.67
N ASN A 156 -5.64 7.32 0.45
CA ASN A 156 -5.23 6.17 1.27
C ASN A 156 -5.36 4.87 0.50
N ILE A 157 -6.48 4.67 -0.25
CA ILE A 157 -6.68 3.49 -1.10
C ILE A 157 -5.58 3.41 -2.18
N ALA A 158 -5.25 4.57 -2.81
CA ALA A 158 -4.21 4.71 -3.86
C ALA A 158 -2.80 4.34 -3.39
N SER A 159 -2.57 4.29 -2.06
CA SER A 159 -1.29 3.88 -1.48
C SER A 159 -1.20 2.35 -1.32
N GLY A 160 -2.29 1.65 -1.66
CA GLY A 160 -2.33 0.19 -1.60
C GLY A 160 -1.49 -0.45 -2.72
N ASN A 161 -1.65 -1.77 -2.92
CA ASN A 161 -0.90 -2.46 -3.97
C ASN A 161 -1.45 -2.13 -5.37
N ASN A 162 -0.68 -2.47 -6.43
CA ASN A 162 -1.03 -2.20 -7.84
C ASN A 162 -2.42 -2.69 -8.25
N GLU A 163 -2.84 -3.87 -7.76
CA GLU A 163 -4.17 -4.44 -8.03
C GLU A 163 -5.27 -3.52 -7.47
N GLN A 164 -5.01 -2.89 -6.30
CA GLN A 164 -5.94 -1.99 -5.63
C GLN A 164 -6.03 -0.66 -6.36
N ILE A 165 -4.87 -0.14 -6.83
CA ILE A 165 -4.80 1.09 -7.61
C ILE A 165 -5.57 0.87 -8.92
N GLN A 166 -5.37 -0.30 -9.58
CA GLN A 166 -6.07 -0.69 -10.81
C GLN A 166 -7.58 -0.73 -10.57
N LYS A 167 -8.02 -1.27 -9.41
CA LYS A 167 -9.44 -1.34 -9.04
C LYS A 167 -10.04 0.06 -8.89
N LEU A 168 -9.23 0.99 -8.35
CA LEU A 168 -9.57 2.40 -8.14
C LEU A 168 -9.73 3.10 -9.49
N ILE A 169 -8.85 2.81 -10.46
CA ILE A 169 -8.88 3.36 -11.82
C ILE A 169 -10.10 2.82 -12.58
N GLU A 170 -10.43 1.54 -12.37
CA GLU A 170 -11.58 0.87 -12.98
C GLU A 170 -12.92 1.45 -12.49
N ALA A 171 -12.94 1.98 -11.24
CA ALA A 171 -14.11 2.61 -10.63
C ALA A 171 -14.29 4.06 -11.12
N GLY A 172 -13.35 4.52 -11.95
CA GLY A 172 -13.35 5.83 -12.57
C GLY A 172 -12.86 6.98 -11.70
N ALA A 173 -11.84 6.75 -10.88
CA ALA A 173 -11.34 7.76 -9.95
C ALA A 173 -10.52 8.90 -10.59
N LEU A 174 -9.80 8.59 -11.68
CA LEU A 174 -8.88 9.52 -12.36
C LEU A 174 -9.51 10.80 -12.91
N SER A 175 -10.57 10.72 -13.74
CA SER A 175 -11.20 11.93 -14.30
C SER A 175 -11.68 12.90 -13.20
N PRO A 176 -12.45 12.50 -12.14
CA PRO A 176 -12.82 13.46 -11.09
C PRO A 176 -11.61 13.97 -10.30
N LEU A 177 -10.58 13.13 -10.06
CA LEU A 177 -9.37 13.53 -9.32
C LEU A 177 -8.59 14.62 -10.04
N VAL A 178 -8.43 14.48 -11.38
CA VAL A 178 -7.73 15.44 -12.24
C VAL A 178 -8.48 16.78 -12.23
N LYS A 179 -9.83 16.73 -12.29
CA LYS A 179 -10.68 17.93 -12.22
C LYS A 179 -10.55 18.62 -10.86
N LEU A 180 -10.24 17.84 -9.80
CA LEU A 180 -10.05 18.38 -8.45
C LEU A 180 -8.70 19.07 -8.28
N LEU A 181 -7.80 18.95 -9.28
CA LEU A 181 -6.52 19.65 -9.27
C LEU A 181 -6.74 21.14 -9.57
N ASP A 182 -7.92 21.49 -10.12
CA ASP A 182 -8.35 22.86 -10.42
C ASP A 182 -9.59 23.27 -9.59
N ASP A 183 -9.82 22.59 -8.43
CA ASP A 183 -10.94 22.87 -7.53
C ASP A 183 -10.75 24.22 -6.83
N ALA A 184 -11.86 24.88 -6.45
CA ALA A 184 -11.86 26.18 -5.76
C ALA A 184 -11.11 26.16 -4.42
N SER A 185 -11.13 24.99 -3.72
CA SER A 185 -10.47 24.79 -2.44
C SER A 185 -9.01 24.32 -2.56
N GLU A 186 -8.11 25.01 -1.84
CA GLU A 186 -6.68 24.74 -1.80
C GLU A 186 -6.41 23.41 -1.08
N GLU A 187 -7.19 23.14 -0.02
CA GLU A 187 -7.06 21.89 0.75
C GLU A 187 -7.40 20.68 -0.12
N VAL A 188 -8.46 20.79 -0.95
CA VAL A 188 -8.88 19.74 -1.89
C VAL A 188 -7.77 19.49 -2.92
N ILE A 189 -7.17 20.56 -3.50
CA ILE A 189 -6.08 20.46 -4.48
C ILE A 189 -4.92 19.61 -3.89
N LYS A 190 -4.41 19.99 -2.69
CA LYS A 190 -3.35 19.30 -1.96
C LYS A 190 -3.66 17.81 -1.81
N GLU A 191 -4.91 17.49 -1.44
CA GLU A 191 -5.40 16.12 -1.26
C GLU A 191 -5.44 15.36 -2.57
N ALA A 192 -5.90 16.03 -3.65
CA ALA A 192 -5.96 15.45 -5.00
C ALA A 192 -4.55 15.17 -5.52
N VAL A 193 -3.59 16.10 -5.26
CA VAL A 193 -2.17 15.94 -5.62
C VAL A 193 -1.60 14.72 -4.90
N TRP A 194 -1.88 14.58 -3.59
CA TRP A 194 -1.46 13.44 -2.78
C TRP A 194 -1.99 12.11 -3.37
N ALA A 195 -3.29 12.06 -3.71
CA ALA A 195 -3.95 10.91 -4.32
C ALA A 195 -3.27 10.55 -5.67
N ILE A 196 -3.05 11.56 -6.54
CA ILE A 196 -2.39 11.39 -7.84
C ILE A 196 -0.92 10.97 -7.64
N ALA A 197 -0.19 11.57 -6.69
CA ALA A 197 1.22 11.20 -6.40
C ALA A 197 1.34 9.72 -5.98
N ASN A 198 0.36 9.21 -5.22
CA ASN A 198 0.28 7.81 -4.79
C ASN A 198 0.03 6.91 -6.01
N ILE A 199 -0.86 7.34 -6.93
CA ILE A 199 -1.15 6.60 -8.17
C ILE A 199 0.11 6.60 -9.04
N ALA A 200 0.80 7.77 -9.13
CA ALA A 200 2.05 7.99 -9.87
C ALA A 200 3.18 7.13 -9.34
N SER A 201 3.02 6.66 -8.09
CA SER A 201 3.94 5.74 -7.44
C SER A 201 3.45 4.36 -7.82
N GLY A 202 4.35 3.54 -8.32
CA GLY A 202 3.98 2.20 -8.74
C GLY A 202 4.47 1.88 -10.13
N ASN A 203 3.75 0.97 -10.82
CA ASN A 203 4.12 0.49 -12.14
C ASN A 203 3.74 1.46 -13.29
N ASN A 204 4.33 1.22 -14.48
CA ASN A 204 4.14 2.01 -15.70
C ASN A 204 2.71 1.96 -16.28
N GLU A 205 1.95 0.88 -16.00
CA GLU A 205 0.56 0.74 -16.46
C GLU A 205 -0.35 1.79 -15.82
N MET A 206 -0.14 2.10 -14.52
CA MET A 206 -0.90 3.13 -13.80
C MET A 206 -0.50 4.54 -14.25
N LYS A 207 0.82 4.76 -14.50
CA LYS A 207 1.38 6.02 -14.99
C LYS A 207 0.77 6.39 -16.35
N GLN A 208 0.63 5.38 -17.24
CA GLN A 208 0.02 5.53 -18.57
C GLN A 208 -1.43 6.04 -18.42
N LYS A 209 -2.20 5.43 -17.50
CA LYS A 209 -3.57 5.79 -17.17
C LYS A 209 -3.72 7.24 -16.70
N LEU A 210 -2.77 7.71 -15.86
CA LEU A 210 -2.74 9.09 -15.35
C LEU A 210 -2.50 10.08 -16.47
N GLU A 211 -1.57 9.74 -17.40
CA GLU A 211 -1.22 10.54 -18.56
C GLU A 211 -2.44 10.69 -19.48
N GLU A 212 -3.19 9.59 -19.68
CA GLU A 212 -4.40 9.53 -20.50
C GLU A 212 -5.55 10.34 -19.89
N ALA A 213 -5.58 10.47 -18.54
CA ALA A 213 -6.59 11.23 -17.80
C ALA A 213 -6.33 12.75 -17.81
N GLY A 214 -5.12 13.15 -18.21
CA GLY A 214 -4.72 14.55 -18.30
C GLY A 214 -4.14 15.12 -17.01
N ALA A 215 -3.54 14.25 -16.18
CA ALA A 215 -2.94 14.63 -14.91
C ALA A 215 -1.70 15.48 -15.08
N LEU A 216 -0.93 15.26 -16.16
CA LEU A 216 0.31 15.98 -16.42
C LEU A 216 0.11 17.49 -16.67
N PRO A 217 -0.74 17.99 -17.62
CA PRO A 217 -0.90 19.45 -17.73
C PRO A 217 -1.52 20.04 -16.46
N ALA A 218 -2.46 19.31 -15.82
CA ALA A 218 -3.12 19.73 -14.58
C ALA A 218 -2.11 19.87 -13.42
N LEU A 219 -1.09 18.99 -13.38
CA LEU A 219 -0.03 19.06 -12.37
C LEU A 219 0.91 20.22 -12.68
N GLU A 220 1.19 20.44 -13.98
CA GLU A 220 2.06 21.51 -14.49
C GLU A 220 1.46 22.88 -14.26
N LYS A 221 0.13 23.01 -14.42
CA LYS A 221 -0.61 24.26 -14.16
C LYS A 221 -0.42 24.66 -12.68
N LEU A 222 -0.34 23.66 -11.78
CA LEU A 222 -0.13 23.87 -10.34
C LEU A 222 1.31 24.33 -9.99
N GLN A 223 2.21 24.39 -10.98
CA GLN A 223 3.57 24.89 -10.77
C GLN A 223 3.59 26.42 -10.80
N SER A 224 2.44 27.02 -11.16
CA SER A 224 2.19 28.46 -11.18
C SER A 224 1.09 28.85 -10.16
N HIS A 225 0.83 27.96 -9.18
CA HIS A 225 -0.13 28.17 -8.09
C HIS A 225 0.54 29.06 -7.05
N ALA A 226 -0.24 29.97 -6.43
CA ALA A 226 0.27 30.91 -5.43
C ALA A 226 0.86 30.24 -4.18
N ASN A 227 0.29 29.10 -3.76
CA ASN A 227 0.77 28.35 -2.59
C ASN A 227 2.06 27.58 -2.92
N GLU A 228 3.11 27.79 -2.11
CA GLU A 228 4.45 27.20 -2.24
C GLU A 228 4.40 25.68 -2.05
N GLU A 229 3.63 25.21 -1.05
CA GLU A 229 3.46 23.79 -0.73
C GLU A 229 2.75 23.04 -1.88
N VAL A 230 1.73 23.67 -2.52
CA VAL A 230 1.02 23.07 -3.67
C VAL A 230 2.00 22.88 -4.83
N GLN A 231 2.80 23.93 -5.17
CA GLN A 231 3.82 23.88 -6.24
C GLN A 231 4.80 22.71 -5.98
N LYS A 232 5.30 22.62 -4.73
CA LYS A 232 6.25 21.59 -4.27
C LYS A 232 5.68 20.17 -4.40
N ASN A 233 4.42 19.97 -3.93
CA ASN A 233 3.75 18.67 -4.00
C ASN A 233 3.48 18.26 -5.45
N ALA A 234 3.05 19.22 -6.30
CA ALA A 234 2.76 18.98 -7.71
C ALA A 234 4.05 18.55 -8.44
N GLN A 235 5.18 19.23 -8.12
CA GLN A 235 6.51 18.94 -8.66
C GLN A 235 6.94 17.54 -8.21
N ALA A 236 6.71 17.22 -6.92
CA ALA A 236 7.01 15.91 -6.34
C ALA A 236 6.18 14.81 -7.01
N ALA A 237 4.90 15.12 -7.36
CA ALA A 237 4.00 14.20 -8.07
C ALA A 237 4.49 13.95 -9.50
N LEU A 238 5.02 14.99 -10.17
CA LEU A 238 5.58 14.89 -11.52
C LEU A 238 6.91 14.15 -11.50
N GLU A 239 7.70 14.32 -10.41
CA GLU A 239 8.97 13.61 -10.21
C GLU A 239 8.67 12.12 -10.02
N ALA A 240 7.67 11.79 -9.17
CA ALA A 240 7.23 10.42 -8.88
C ALA A 240 6.70 9.72 -10.14
N PHE A 241 6.30 10.51 -11.14
CA PHE A 241 5.81 10.04 -12.44
C PHE A 241 6.99 9.76 -13.40
N ASN A 242 8.09 10.54 -13.27
CA ASN A 242 9.28 10.41 -14.12
C ASN A 242 10.38 9.61 -13.43
N SER B 4 5.70 -13.73 -33.41
CA SER B 4 6.05 -14.00 -34.80
C SER B 4 7.05 -15.16 -34.88
N GLU B 5 8.24 -14.98 -34.28
CA GLU B 5 9.28 -16.02 -34.21
C GLU B 5 9.49 -16.42 -32.75
N LEU B 6 8.54 -16.06 -31.87
CA LEU B 6 8.55 -16.38 -30.45
C LEU B 6 8.58 -17.88 -30.16
N PRO B 7 7.74 -18.76 -30.80
CA PRO B 7 7.83 -20.19 -30.49
C PRO B 7 9.20 -20.80 -30.80
N GLN B 8 9.87 -20.34 -31.89
CA GLN B 8 11.21 -20.79 -32.24
C GLN B 8 12.25 -20.30 -31.24
N MET B 9 12.13 -19.03 -30.75
CA MET B 9 13.05 -18.47 -29.74
C MET B 9 12.95 -19.27 -28.45
N VAL B 10 11.74 -19.64 -28.03
CA VAL B 10 11.46 -20.44 -26.83
C VAL B 10 12.06 -21.84 -27.04
N GLN B 11 11.88 -22.40 -28.24
CA GLN B 11 12.43 -23.70 -28.61
C GLN B 11 13.97 -23.68 -28.51
N GLN B 12 14.60 -22.53 -28.83
CA GLN B 12 16.04 -22.31 -28.75
C GLN B 12 16.60 -22.26 -27.31
N LEU B 13 15.72 -22.08 -26.30
CA LEU B 13 16.13 -22.10 -24.89
C LEU B 13 16.64 -23.48 -24.44
N ASN B 14 16.37 -24.54 -25.23
CA ASN B 14 16.79 -25.91 -24.94
C ASN B 14 18.04 -26.29 -25.75
N SER B 15 18.65 -25.29 -26.38
CA SER B 15 19.83 -25.50 -27.22
C SER B 15 21.10 -25.91 -26.45
N PRO B 16 21.82 -26.91 -27.00
CA PRO B 16 23.14 -27.25 -26.42
C PRO B 16 24.22 -26.24 -26.84
N ASP B 17 23.94 -25.42 -27.89
CA ASP B 17 24.82 -24.38 -28.43
C ASP B 17 24.69 -23.13 -27.56
N GLN B 18 25.78 -22.77 -26.86
CA GLN B 18 25.88 -21.62 -25.95
C GLN B 18 25.48 -20.29 -26.60
N GLN B 19 25.93 -20.08 -27.85
CA GLN B 19 25.69 -18.88 -28.64
C GLN B 19 24.23 -18.76 -29.04
N GLU B 20 23.61 -19.87 -29.49
CA GLU B 20 22.19 -19.91 -29.88
C GLU B 20 21.27 -19.68 -28.66
N LEU B 21 21.67 -20.23 -27.50
CA LEU B 21 20.93 -20.10 -26.25
C LEU B 21 21.01 -18.66 -25.73
N GLN B 22 22.20 -18.05 -25.78
CA GLN B 22 22.42 -16.67 -25.34
C GLN B 22 21.67 -15.67 -26.24
N SER B 23 21.75 -15.88 -27.56
CA SER B 23 21.05 -15.06 -28.55
C SER B 23 19.53 -15.12 -28.33
N ALA B 24 18.97 -16.31 -28.03
CA ALA B 24 17.54 -16.47 -27.72
C ALA B 24 17.16 -15.76 -26.42
N LEU B 25 18.02 -15.88 -25.40
CA LEU B 25 17.84 -15.24 -24.09
C LEU B 25 17.83 -13.73 -24.20
N ARG B 26 18.75 -13.15 -25.02
CA ARG B 26 18.83 -11.72 -25.27
C ARG B 26 17.54 -11.21 -25.90
N LYS B 27 17.04 -11.92 -26.93
CA LYS B 27 15.81 -11.56 -27.63
C LYS B 27 14.59 -11.63 -26.72
N LEU B 28 14.47 -12.69 -25.91
CA LEU B 28 13.35 -12.86 -25.00
C LEU B 28 13.34 -11.80 -23.91
N SER B 29 14.54 -11.41 -23.41
CA SER B 29 14.67 -10.35 -22.39
C SER B 29 14.19 -9.02 -22.99
N GLN B 30 14.54 -8.77 -24.27
CA GLN B 30 14.14 -7.57 -25.00
C GLN B 30 12.61 -7.49 -25.14
N ILE B 31 11.98 -8.62 -25.48
CA ILE B 31 10.53 -8.71 -25.60
C ILE B 31 9.87 -8.52 -24.22
N ALA B 32 10.42 -9.16 -23.15
CA ALA B 32 9.92 -9.07 -21.76
C ALA B 32 9.93 -7.63 -21.20
N SER B 33 10.76 -6.75 -21.76
CA SER B 33 10.89 -5.36 -21.32
C SER B 33 10.06 -4.41 -22.19
N GLY B 34 9.24 -4.97 -23.07
CA GLY B 34 8.41 -4.19 -23.99
C GLY B 34 6.97 -3.98 -23.56
N GLY B 35 6.67 -4.18 -22.29
CA GLY B 35 5.31 -4.01 -21.78
C GLY B 35 4.56 -5.31 -21.55
N ASN B 36 3.40 -5.20 -20.90
CA ASN B 36 2.57 -6.33 -20.49
C ASN B 36 1.97 -7.14 -21.65
N GLU B 37 1.73 -6.54 -22.83
CA GLU B 37 1.23 -7.32 -23.95
C GLU B 37 2.35 -8.15 -24.60
N GLN B 38 3.60 -7.70 -24.46
CA GLN B 38 4.75 -8.43 -24.98
C GLN B 38 5.01 -9.59 -24.01
N ILE B 39 4.87 -9.33 -22.70
CA ILE B 39 5.02 -10.35 -21.66
C ILE B 39 3.97 -11.47 -21.87
N GLN B 40 2.71 -11.11 -22.17
CA GLN B 40 1.64 -12.06 -22.44
C GLN B 40 2.00 -13.01 -23.58
N LYS B 41 2.61 -12.48 -24.66
CA LYS B 41 3.06 -13.28 -25.80
C LYS B 41 4.12 -14.31 -25.41
N LEU B 42 5.05 -13.94 -24.52
N LEU B 42 5.06 -13.91 -24.53
CA LEU B 42 6.13 -14.82 -24.03
CA LEU B 42 6.15 -14.73 -23.98
C LEU B 42 5.56 -15.97 -23.22
C LEU B 42 5.60 -15.92 -23.21
N ILE B 43 4.60 -15.67 -22.32
CA ILE B 43 3.93 -16.67 -21.49
C ILE B 43 3.16 -17.66 -22.38
N GLU B 44 2.42 -17.14 -23.37
CA GLU B 44 1.65 -17.93 -24.32
C GLU B 44 2.54 -18.78 -25.24
N ALA B 45 3.78 -18.33 -25.50
CA ALA B 45 4.76 -19.09 -26.29
C ALA B 45 5.46 -20.18 -25.42
N GLY B 46 5.10 -20.25 -24.14
CA GLY B 46 5.61 -21.23 -23.19
C GLY B 46 7.02 -20.94 -22.71
N ALA B 47 7.39 -19.67 -22.62
CA ALA B 47 8.75 -19.32 -22.22
C ALA B 47 9.05 -19.46 -20.74
N LEU B 48 8.05 -19.38 -19.85
CA LEU B 48 8.28 -19.36 -18.39
C LEU B 48 9.01 -20.57 -17.83
N SER B 49 8.51 -21.79 -18.07
CA SER B 49 9.15 -23.02 -17.60
C SER B 49 10.60 -23.17 -18.11
N PRO B 50 10.93 -23.08 -19.43
CA PRO B 50 12.36 -23.18 -19.82
C PRO B 50 13.21 -22.06 -19.21
N LEU B 51 12.66 -20.82 -19.06
CA LEU B 51 13.40 -19.70 -18.44
C LEU B 51 13.73 -19.98 -16.98
N VAL B 52 12.74 -20.51 -16.21
CA VAL B 52 12.91 -20.87 -14.81
C VAL B 52 13.96 -21.99 -14.65
N LYS B 53 13.94 -23.00 -15.56
CA LYS B 53 14.91 -24.11 -15.59
C LYS B 53 16.35 -23.58 -15.77
N LEU B 54 16.52 -22.49 -16.56
CA LEU B 54 17.82 -21.87 -16.82
C LEU B 54 18.38 -21.08 -15.62
N LEU B 55 17.58 -20.90 -14.55
CA LEU B 55 18.01 -20.20 -13.33
C LEU B 55 19.02 -21.01 -12.50
N ASP B 56 19.10 -22.33 -12.72
N ASP B 56 19.10 -22.34 -12.71
CA ASP B 56 20.03 -23.24 -12.04
CA ASP B 56 20.04 -23.23 -12.05
C ASP B 56 21.02 -23.89 -13.05
C ASP B 56 21.02 -23.89 -13.05
N ASP B 57 21.23 -23.22 -14.20
CA ASP B 57 22.15 -23.64 -15.27
C ASP B 57 23.61 -23.56 -14.79
N ALA B 58 24.49 -24.41 -15.35
CA ALA B 58 25.91 -24.47 -15.00
C ALA B 58 26.68 -23.19 -15.40
N SER B 59 26.13 -22.42 -16.35
CA SER B 59 26.72 -21.17 -16.84
C SER B 59 26.10 -19.95 -16.17
N GLU B 60 26.97 -19.11 -15.56
CA GLU B 60 26.59 -17.86 -14.89
C GLU B 60 26.09 -16.81 -15.88
N GLU B 61 26.58 -16.85 -17.14
CA GLU B 61 26.16 -15.93 -18.20
C GLU B 61 24.75 -16.24 -18.68
N VAL B 62 24.33 -17.51 -18.54
CA VAL B 62 22.98 -17.95 -18.88
C VAL B 62 22.06 -17.45 -17.78
N ILE B 63 22.45 -17.66 -16.51
CA ILE B 63 21.72 -17.22 -15.32
C ILE B 63 21.43 -15.72 -15.40
N LYS B 64 22.47 -14.90 -15.69
CA LYS B 64 22.42 -13.45 -15.86
C LYS B 64 21.35 -13.00 -16.85
N GLU B 65 21.29 -13.63 -18.03
CA GLU B 65 20.29 -13.25 -19.03
C GLU B 65 18.90 -13.74 -18.69
N ALA B 66 18.79 -14.96 -18.12
CA ALA B 66 17.53 -15.57 -17.71
C ALA B 66 16.88 -14.78 -16.56
N VAL B 67 17.68 -14.34 -15.56
CA VAL B 67 17.17 -13.55 -14.42
C VAL B 67 16.68 -12.21 -14.93
N TRP B 68 17.40 -11.62 -15.90
CA TRP B 68 17.02 -10.35 -16.48
C TRP B 68 15.64 -10.44 -17.14
N ALA B 69 15.40 -11.51 -17.93
CA ALA B 69 14.11 -11.80 -18.57
C ALA B 69 13.02 -12.02 -17.54
N ILE B 70 13.31 -12.79 -16.49
CA ILE B 70 12.36 -13.11 -15.42
C ILE B 70 12.00 -11.86 -14.60
N ALA B 71 12.98 -10.95 -14.37
CA ALA B 71 12.75 -9.71 -13.64
C ALA B 71 11.85 -8.79 -14.46
N ASN B 72 11.96 -8.84 -15.80
CA ASN B 72 11.09 -8.06 -16.68
C ASN B 72 9.69 -8.66 -16.77
N ILE B 73 9.55 -10.00 -16.66
CA ILE B 73 8.25 -10.66 -16.63
C ILE B 73 7.54 -10.32 -15.29
N ALA B 74 8.31 -10.32 -14.18
CA ALA B 74 7.86 -9.97 -12.82
C ALA B 74 7.27 -8.55 -12.70
N SER B 75 7.58 -7.67 -13.68
CA SER B 75 7.05 -6.30 -13.74
C SER B 75 5.64 -6.27 -14.38
N GLY B 76 5.16 -7.43 -14.83
CA GLY B 76 3.83 -7.55 -15.44
C GLY B 76 2.70 -7.42 -14.43
N ASN B 77 1.47 -7.69 -14.90
CA ASN B 77 0.28 -7.61 -14.04
C ASN B 77 0.26 -8.81 -13.08
N ASN B 78 -0.72 -8.86 -12.16
CA ASN B 78 -0.80 -9.93 -11.16
C ASN B 78 -1.09 -11.32 -11.75
N GLU B 79 -1.75 -11.39 -12.92
CA GLU B 79 -2.03 -12.67 -13.59
C GLU B 79 -0.72 -13.24 -14.12
N GLN B 80 0.15 -12.36 -14.64
CA GLN B 80 1.45 -12.71 -15.19
C GLN B 80 2.44 -13.12 -14.09
N ILE B 81 2.33 -12.51 -12.89
CA ILE B 81 3.14 -12.83 -11.72
C ILE B 81 2.75 -14.22 -11.22
N GLN B 82 1.43 -14.53 -11.19
CA GLN B 82 0.85 -15.82 -10.81
C GLN B 82 1.42 -16.92 -11.72
N LYS B 83 1.51 -16.66 -13.05
CA LYS B 83 2.09 -17.59 -14.05
C LYS B 83 3.56 -17.84 -13.73
N LEU B 84 4.29 -16.79 -13.39
CA LEU B 84 5.69 -16.85 -12.99
C LEU B 84 5.87 -17.66 -11.68
N ILE B 85 4.97 -17.47 -10.71
CA ILE B 85 4.96 -18.26 -9.47
C ILE B 85 4.64 -19.74 -9.75
N GLU B 86 3.62 -19.98 -10.59
CA GLU B 86 3.20 -21.33 -11.01
C GLU B 86 4.28 -22.04 -11.84
N ALA B 87 5.19 -21.28 -12.49
CA ALA B 87 6.30 -21.87 -13.25
C ALA B 87 7.42 -22.30 -12.28
N GLY B 88 7.29 -21.93 -11.01
CA GLY B 88 8.24 -22.27 -9.95
C GLY B 88 9.46 -21.37 -9.89
N ALA B 89 9.29 -20.08 -10.24
CA ALA B 89 10.36 -19.08 -10.25
C ALA B 89 10.90 -18.70 -8.88
N LEU B 90 10.03 -18.65 -7.84
CA LEU B 90 10.38 -18.17 -6.51
C LEU B 90 11.57 -18.86 -5.83
N SER B 91 11.55 -20.21 -5.72
CA SER B 91 12.67 -20.93 -5.09
C SER B 91 14.01 -20.62 -5.82
N PRO B 92 14.13 -20.78 -7.17
CA PRO B 92 15.39 -20.41 -7.84
C PRO B 92 15.82 -18.96 -7.67
N LEU B 93 14.87 -17.99 -7.65
CA LEU B 93 15.19 -16.57 -7.48
C LEU B 93 15.72 -16.30 -6.08
N VAL B 94 15.18 -16.98 -5.06
CA VAL B 94 15.62 -16.84 -3.66
C VAL B 94 17.06 -17.36 -3.51
N LYS B 95 17.39 -18.48 -4.17
CA LYS B 95 18.74 -19.06 -4.17
C LYS B 95 19.76 -18.10 -4.79
N LEU B 96 19.35 -17.33 -5.83
CA LEU B 96 20.22 -16.37 -6.54
C LEU B 96 20.56 -15.11 -5.73
N LEU B 97 20.02 -14.99 -4.51
CA LEU B 97 20.34 -13.87 -3.61
C LEU B 97 21.69 -14.15 -2.95
N ASP B 98 22.20 -15.40 -3.11
CA ASP B 98 23.47 -15.91 -2.60
C ASP B 98 24.50 -16.12 -3.74
N ASP B 99 24.15 -15.71 -4.98
CA ASP B 99 25.00 -15.80 -6.18
C ASP B 99 26.29 -14.98 -6.04
N ALA B 100 27.37 -15.40 -6.71
CA ALA B 100 28.67 -14.72 -6.67
C ALA B 100 28.64 -13.34 -7.33
N SER B 101 27.83 -13.19 -8.39
CA SER B 101 27.70 -11.94 -9.14
C SER B 101 26.69 -10.97 -8.51
N GLU B 102 27.11 -9.71 -8.36
CA GLU B 102 26.29 -8.61 -7.84
C GLU B 102 25.18 -8.29 -8.84
N GLU B 103 25.48 -8.46 -10.16
CA GLU B 103 24.53 -8.25 -11.25
C GLU B 103 23.36 -9.23 -11.15
N VAL B 104 23.64 -10.51 -10.80
CA VAL B 104 22.61 -11.54 -10.62
C VAL B 104 21.78 -11.20 -9.36
N ILE B 105 22.46 -10.90 -8.21
CA ILE B 105 21.79 -10.52 -6.95
C ILE B 105 20.82 -9.36 -7.18
N LYS B 106 21.28 -8.29 -7.84
CA LYS B 106 20.51 -7.09 -8.17
C LYS B 106 19.27 -7.41 -9.00
N GLU B 107 19.40 -8.32 -10.00
CA GLU B 107 18.30 -8.74 -10.87
C GLU B 107 17.32 -9.62 -10.09
N ALA B 108 17.85 -10.56 -9.27
CA ALA B 108 17.06 -11.45 -8.41
C ALA B 108 16.22 -10.61 -7.44
N VAL B 109 16.84 -9.58 -6.79
CA VAL B 109 16.16 -8.69 -5.85
C VAL B 109 15.08 -7.87 -6.55
N TRP B 110 15.38 -7.31 -7.75
CA TRP B 110 14.39 -6.53 -8.50
C TRP B 110 13.17 -7.37 -8.88
N ALA B 111 13.40 -8.64 -9.29
CA ALA B 111 12.34 -9.61 -9.62
C ALA B 111 11.49 -9.89 -8.39
N ILE B 112 12.13 -10.18 -7.24
CA ILE B 112 11.48 -10.44 -5.94
C ILE B 112 10.67 -9.22 -5.49
N ALA B 113 11.27 -8.00 -5.60
CA ALA B 113 10.67 -6.71 -5.29
C ALA B 113 9.43 -6.45 -6.16
N ASN B 114 9.49 -6.84 -7.44
CA ASN B 114 8.37 -6.74 -8.39
C ASN B 114 7.23 -7.66 -7.96
N ILE B 115 7.54 -8.91 -7.59
CA ILE B 115 6.58 -9.92 -7.11
C ILE B 115 5.95 -9.46 -5.79
N ALA B 116 6.78 -8.84 -4.93
CA ALA B 116 6.38 -8.27 -3.63
C ALA B 116 5.38 -7.12 -3.78
N SER B 117 5.37 -6.43 -4.94
N SER B 117 5.38 -6.43 -4.94
CA SER B 117 4.48 -5.31 -5.23
CA SER B 117 4.48 -5.31 -5.22
C SER B 117 3.04 -5.73 -5.55
C SER B 117 3.04 -5.73 -5.55
N GLY B 118 2.85 -7.03 -5.80
CA GLY B 118 1.54 -7.62 -6.11
C GLY B 118 0.62 -7.72 -4.90
N ASN B 119 -0.26 -8.71 -4.89
CA ASN B 119 -1.18 -8.88 -3.75
C ASN B 119 -0.50 -9.58 -2.55
N ASN B 120 -1.27 -9.83 -1.47
CA ASN B 120 -0.80 -10.48 -0.24
C ASN B 120 -0.44 -11.94 -0.45
N GLU B 121 -1.16 -12.64 -1.36
CA GLU B 121 -0.89 -14.04 -1.68
C GLU B 121 0.49 -14.17 -2.29
N GLN B 122 0.88 -13.21 -3.14
CA GLN B 122 2.19 -13.20 -3.80
C GLN B 122 3.32 -12.95 -2.79
N ILE B 123 3.06 -12.08 -1.79
CA ILE B 123 3.98 -11.81 -0.68
C ILE B 123 4.10 -13.11 0.13
N GLN B 124 2.94 -13.75 0.43
CA GLN B 124 2.86 -15.01 1.17
C GLN B 124 3.71 -16.08 0.52
N LYS B 125 3.61 -16.18 -0.83
CA LYS B 125 4.40 -17.09 -1.65
C LYS B 125 5.90 -16.79 -1.54
N LEU B 126 6.30 -15.49 -1.48
CA LEU B 126 7.71 -15.09 -1.30
C LEU B 126 8.23 -15.49 0.07
N ILE B 127 7.43 -15.26 1.14
CA ILE B 127 7.77 -15.63 2.52
C ILE B 127 7.97 -17.16 2.60
N GLU B 128 7.06 -17.96 1.98
CA GLU B 128 7.15 -19.43 1.95
C GLU B 128 8.40 -19.92 1.21
N ALA B 129 8.82 -19.18 0.16
CA ALA B 129 10.03 -19.49 -0.62
C ALA B 129 11.33 -19.21 0.16
N GLY B 130 11.21 -18.62 1.35
CA GLY B 130 12.31 -18.28 2.24
C GLY B 130 13.06 -17.03 1.82
N ALA B 131 12.33 -16.02 1.30
CA ALA B 131 12.92 -14.78 0.80
C ALA B 131 13.35 -13.78 1.87
N LEU B 132 12.61 -13.71 2.99
CA LEU B 132 12.83 -12.72 4.06
C LEU B 132 14.25 -12.70 4.65
N SER B 133 14.77 -13.85 5.13
CA SER B 133 16.14 -13.90 5.69
C SER B 133 17.19 -13.37 4.69
N PRO B 134 17.37 -13.93 3.46
CA PRO B 134 18.38 -13.35 2.54
C PRO B 134 18.09 -11.91 2.11
N LEU B 135 16.81 -11.47 2.10
CA LEU B 135 16.48 -10.08 1.75
C LEU B 135 16.98 -9.11 2.83
N VAL B 136 16.88 -9.54 4.11
CA VAL B 136 17.29 -8.78 5.29
C VAL B 136 18.82 -8.64 5.33
N LYS B 137 19.56 -9.73 5.02
CA LYS B 137 21.02 -9.76 4.95
C LYS B 137 21.53 -8.72 3.94
N LEU B 138 20.79 -8.52 2.85
CA LEU B 138 21.11 -7.57 1.79
C LEU B 138 20.90 -6.09 2.18
N LEU B 139 20.23 -5.82 3.32
CA LEU B 139 20.03 -4.45 3.81
C LEU B 139 21.34 -3.85 4.33
N ASP B 140 22.29 -4.73 4.70
CA ASP B 140 23.63 -4.38 5.16
C ASP B 140 24.61 -4.91 4.12
N ASP B 141 24.99 -4.03 3.17
CA ASP B 141 25.91 -4.36 2.08
C ASP B 141 26.87 -3.18 1.79
N ALA B 142 27.66 -3.28 0.70
CA ALA B 142 28.59 -2.24 0.28
C ALA B 142 28.15 -1.62 -1.06
N SER B 143 26.98 -2.08 -1.57
CA SER B 143 26.38 -1.61 -2.84
C SER B 143 25.03 -0.94 -2.60
N GLU B 144 24.92 0.33 -3.02
CA GLU B 144 23.73 1.17 -2.85
C GLU B 144 22.53 0.74 -3.67
N GLU B 145 22.73 0.30 -4.93
CA GLU B 145 21.62 -0.12 -5.78
C GLU B 145 21.00 -1.45 -5.32
N VAL B 146 21.80 -2.36 -4.71
CA VAL B 146 21.31 -3.63 -4.15
C VAL B 146 20.38 -3.28 -2.98
N ILE B 147 20.88 -2.41 -2.04
CA ILE B 147 20.13 -1.92 -0.88
C ILE B 147 18.84 -1.26 -1.34
N LYS B 148 18.93 -0.39 -2.37
CA LYS B 148 17.81 0.34 -3.00
C LYS B 148 16.72 -0.63 -3.47
N GLU B 149 17.10 -1.78 -4.05
CA GLU B 149 16.13 -2.80 -4.50
C GLU B 149 15.60 -3.61 -3.30
N ALA B 150 16.50 -4.01 -2.36
CA ALA B 150 16.16 -4.79 -1.16
C ALA B 150 15.17 -4.08 -0.24
N VAL B 151 15.44 -2.81 0.08
CA VAL B 151 14.56 -2.02 0.95
C VAL B 151 13.20 -1.79 0.30
N TRP B 152 13.16 -1.68 -1.05
CA TRP B 152 11.94 -1.52 -1.84
C TRP B 152 11.07 -2.80 -1.71
N ALA B 153 11.72 -3.97 -1.74
CA ALA B 153 11.06 -5.28 -1.57
C ALA B 153 10.50 -5.43 -0.17
N ILE B 154 11.29 -5.07 0.88
CA ILE B 154 10.89 -5.14 2.29
C ILE B 154 9.76 -4.14 2.58
N ALA B 155 9.79 -2.96 1.94
CA ALA B 155 8.73 -1.95 2.12
C ALA B 155 7.40 -2.49 1.59
N ASN B 156 7.44 -3.23 0.46
CA ASN B 156 6.27 -3.88 -0.16
C ASN B 156 5.73 -4.98 0.75
N ILE B 157 6.63 -5.76 1.40
CA ILE B 157 6.27 -6.84 2.32
C ILE B 157 5.64 -6.26 3.60
N ALA B 158 6.17 -5.11 4.09
CA ALA B 158 5.69 -4.42 5.29
C ALA B 158 4.27 -3.86 5.14
N SER B 159 3.79 -3.62 3.90
CA SER B 159 2.43 -3.09 3.68
C SER B 159 1.32 -4.15 3.79
N GLY B 160 1.72 -5.42 3.90
CA GLY B 160 0.80 -6.55 4.05
C GLY B 160 0.22 -6.68 5.44
N ASN B 161 -0.36 -7.84 5.74
CA ASN B 161 -0.99 -8.11 7.05
C ASN B 161 0.03 -8.26 8.20
N ASN B 162 -0.44 -8.16 9.45
CA ASN B 162 0.36 -8.24 10.67
C ASN B 162 1.14 -9.56 10.82
N GLU B 163 0.63 -10.65 10.22
CA GLU B 163 1.28 -11.95 10.23
C GLU B 163 2.57 -11.88 9.39
N GLN B 164 2.52 -11.13 8.27
CA GLN B 164 3.64 -10.95 7.35
C GLN B 164 4.69 -10.01 7.94
N ILE B 165 4.26 -9.00 8.71
CA ILE B 165 5.15 -8.05 9.39
C ILE B 165 5.93 -8.79 10.50
N GLN B 166 5.24 -9.65 11.28
CA GLN B 166 5.84 -10.46 12.35
C GLN B 166 7.00 -11.31 11.80
N LYS B 167 6.78 -11.98 10.65
CA LYS B 167 7.79 -12.79 9.93
C LYS B 167 8.99 -11.91 9.54
N LEU B 168 8.73 -10.66 9.10
CA LEU B 168 9.74 -9.67 8.72
C LEU B 168 10.57 -9.28 9.94
N ILE B 169 9.91 -9.07 11.12
CA ILE B 169 10.57 -8.74 12.39
C ILE B 169 11.46 -9.93 12.84
N GLU B 170 10.91 -11.16 12.75
CA GLU B 170 11.58 -12.42 13.12
C GLU B 170 12.80 -12.69 12.23
N ALA B 171 12.78 -12.17 10.98
CA ALA B 171 13.89 -12.27 10.02
C ALA B 171 15.01 -11.26 10.40
N GLY B 172 14.72 -10.36 11.34
CA GLY B 172 15.65 -9.34 11.84
C GLY B 172 15.72 -8.05 11.06
N ALA B 173 14.61 -7.66 10.39
CA ALA B 173 14.54 -6.47 9.54
C ALA B 173 14.59 -5.12 10.25
N LEU B 174 14.10 -5.04 11.49
CA LEU B 174 13.97 -3.78 12.19
C LEU B 174 15.28 -3.01 12.44
N SER B 175 16.37 -3.66 12.90
CA SER B 175 17.62 -2.92 13.13
C SER B 175 18.22 -2.37 11.80
N PRO B 176 18.42 -3.17 10.71
CA PRO B 176 18.92 -2.57 9.46
C PRO B 176 18.00 -1.51 8.86
N LEU B 177 16.65 -1.67 8.95
CA LEU B 177 15.68 -0.67 8.44
C LEU B 177 15.88 0.68 9.12
N VAL B 178 16.06 0.68 10.45
CA VAL B 178 16.29 1.88 11.26
C VAL B 178 17.60 2.54 10.80
N LYS B 179 18.67 1.74 10.59
CA LYS B 179 19.98 2.23 10.12
C LYS B 179 19.87 2.87 8.74
N LEU B 180 18.96 2.35 7.88
CA LEU B 180 18.69 2.87 6.54
C LEU B 180 17.99 4.25 6.54
N LEU B 181 17.49 4.72 7.72
CA LEU B 181 16.86 6.05 7.85
C LEU B 181 17.93 7.15 7.76
N ASP B 182 19.21 6.76 7.91
CA ASP B 182 20.38 7.64 7.83
C ASP B 182 21.33 7.18 6.70
N ASP B 183 20.77 6.61 5.63
CA ASP B 183 21.57 6.16 4.48
C ASP B 183 22.01 7.36 3.64
N ALA B 184 23.05 7.19 2.80
CA ALA B 184 23.56 8.24 1.91
C ALA B 184 22.54 8.52 0.78
N SER B 185 21.81 7.47 0.33
CA SER B 185 20.80 7.59 -0.71
C SER B 185 19.46 8.03 -0.11
N GLU B 186 18.88 9.12 -0.66
CA GLU B 186 17.61 9.68 -0.25
C GLU B 186 16.44 8.72 -0.55
N GLU B 187 16.52 8.02 -1.70
CA GLU B 187 15.52 7.06 -2.15
C GLU B 187 15.48 5.83 -1.23
N VAL B 188 16.63 5.47 -0.62
CA VAL B 188 16.73 4.37 0.34
C VAL B 188 15.98 4.81 1.61
N ILE B 189 16.18 6.07 2.04
CA ILE B 189 15.52 6.63 3.22
C ILE B 189 14.00 6.64 3.04
N LYS B 190 13.52 7.07 1.84
CA LYS B 190 12.09 7.12 1.49
C LYS B 190 11.44 5.75 1.69
N GLU B 191 12.08 4.68 1.16
CA GLU B 191 11.59 3.30 1.27
C GLU B 191 11.59 2.81 2.72
N ALA B 192 12.69 3.10 3.45
CA ALA B 192 12.87 2.72 4.85
C ALA B 192 11.80 3.39 5.73
N VAL B 193 11.54 4.70 5.53
CA VAL B 193 10.55 5.44 6.30
C VAL B 193 9.11 4.94 5.98
N TRP B 194 8.84 4.50 4.73
CA TRP B 194 7.55 3.94 4.34
C TRP B 194 7.36 2.59 5.05
N ALA B 195 8.43 1.76 5.06
CA ALA B 195 8.43 0.45 5.70
C ALA B 195 8.15 0.57 7.20
N ILE B 196 8.87 1.48 7.89
CA ILE B 196 8.74 1.73 9.33
C ILE B 196 7.36 2.32 9.68
N ALA B 197 6.76 3.15 8.79
CA ALA B 197 5.43 3.75 9.02
C ALA B 197 4.35 2.65 9.03
N ASN B 198 4.48 1.67 8.12
CA ASN B 198 3.59 0.52 7.97
C ASN B 198 3.70 -0.39 9.16
N ILE B 199 4.96 -0.73 9.56
CA ILE B 199 5.28 -1.59 10.70
C ILE B 199 4.72 -0.99 12.01
N ALA B 200 5.00 0.30 12.30
CA ALA B 200 4.53 1.02 13.49
C ALA B 200 3.01 1.06 13.63
N SER B 201 2.28 0.99 12.50
CA SER B 201 0.82 1.02 12.45
C SER B 201 0.17 -0.31 12.85
N GLY B 202 0.93 -1.40 12.73
CA GLY B 202 0.48 -2.77 12.99
C GLY B 202 -0.24 -2.99 14.31
N ASN B 203 0.50 -2.88 15.42
CA ASN B 203 0.03 -3.03 16.80
C ASN B 203 1.07 -2.46 17.76
N ASN B 204 0.85 -2.59 19.08
CA ASN B 204 1.76 -2.08 20.11
C ASN B 204 3.03 -2.89 20.27
N GLU B 205 2.98 -4.22 20.09
CA GLU B 205 4.17 -5.08 20.19
C GLU B 205 5.21 -4.66 19.14
N MET B 206 4.73 -4.33 17.93
CA MET B 206 5.54 -3.87 16.79
C MET B 206 6.20 -2.52 17.07
N LYS B 207 5.49 -1.63 17.80
CA LYS B 207 5.99 -0.31 18.20
C LYS B 207 7.14 -0.44 19.19
N GLN B 208 7.04 -1.43 20.10
CA GLN B 208 8.06 -1.74 21.11
C GLN B 208 9.35 -2.21 20.44
N LYS B 209 9.22 -3.17 19.50
CA LYS B 209 10.33 -3.76 18.75
C LYS B 209 11.07 -2.69 17.93
N LEU B 210 10.34 -1.68 17.39
CA LEU B 210 10.92 -0.56 16.64
C LEU B 210 11.69 0.35 17.57
N GLU B 211 11.16 0.60 18.78
CA GLU B 211 11.80 1.43 19.82
C GLU B 211 13.08 0.75 20.31
N GLU B 212 13.05 -0.59 20.51
CA GLU B 212 14.21 -1.42 20.89
C GLU B 212 15.31 -1.34 19.82
N ALA B 213 14.88 -1.18 18.53
CA ALA B 213 15.75 -1.08 17.35
C ALA B 213 16.34 0.34 17.17
N GLY B 214 15.76 1.32 17.85
CA GLY B 214 16.21 2.71 17.83
C GLY B 214 15.51 3.61 16.82
N ALA B 215 14.26 3.28 16.45
CA ALA B 215 13.48 4.03 15.46
C ALA B 215 13.14 5.45 15.86
N LEU B 216 12.85 5.71 17.15
CA LEU B 216 12.46 7.05 17.65
C LEU B 216 13.51 8.15 17.37
N PRO B 217 14.80 8.08 17.81
CA PRO B 217 15.74 9.17 17.49
C PRO B 217 16.05 9.33 16.01
N ALA B 218 15.99 8.23 15.22
CA ALA B 218 16.25 8.25 13.78
C ALA B 218 15.13 8.95 13.01
N LEU B 219 13.85 8.72 13.41
CA LEU B 219 12.66 9.35 12.81
C LEU B 219 12.57 10.84 13.21
N GLU B 220 13.09 11.19 14.40
CA GLU B 220 13.13 12.56 14.92
C GLU B 220 14.02 13.44 14.04
N LYS B 221 15.16 12.88 13.57
CA LYS B 221 16.13 13.55 12.71
C LYS B 221 15.53 13.84 11.31
N LEU B 222 14.68 12.94 10.80
CA LEU B 222 14.06 13.08 9.48
C LEU B 222 12.96 14.14 9.40
N GLN B 223 12.56 14.72 10.54
CA GLN B 223 11.58 15.79 10.60
C GLN B 223 12.20 17.09 10.04
N SER B 224 13.55 17.16 10.01
CA SER B 224 14.36 18.28 9.50
C SER B 224 15.04 17.98 8.14
N HIS B 225 14.48 17.01 7.37
CA HIS B 225 14.98 16.63 6.05
C HIS B 225 14.48 17.61 4.96
N ALA B 226 15.18 17.65 3.81
CA ALA B 226 14.81 18.51 2.68
C ALA B 226 13.60 17.98 1.92
N ASN B 227 13.56 16.66 1.64
CA ASN B 227 12.48 16.00 0.90
C ASN B 227 11.18 15.95 1.72
N GLU B 228 10.03 16.17 1.05
CA GLU B 228 8.71 16.20 1.66
C GLU B 228 8.16 14.83 2.06
N GLU B 229 8.17 13.83 1.12
CA GLU B 229 7.66 12.48 1.37
C GLU B 229 8.25 11.85 2.63
N VAL B 230 9.57 12.00 2.84
CA VAL B 230 10.27 11.48 4.02
C VAL B 230 9.79 12.23 5.29
N GLN B 231 9.60 13.57 5.22
CA GLN B 231 9.12 14.40 6.33
C GLN B 231 7.71 13.96 6.73
N LYS B 232 6.80 13.86 5.74
CA LYS B 232 5.41 13.44 5.91
C LYS B 232 5.28 12.00 6.41
N ASN B 233 6.16 11.08 5.93
CA ASN B 233 6.12 9.69 6.37
C ASN B 233 6.75 9.49 7.74
N ALA B 234 7.79 10.29 8.08
CA ALA B 234 8.45 10.23 9.38
C ALA B 234 7.50 10.69 10.47
N GLN B 235 6.68 11.70 10.18
CA GLN B 235 5.68 12.19 11.14
C GLN B 235 4.53 11.19 11.25
N ALA B 236 4.11 10.56 10.13
CA ALA B 236 3.05 9.53 10.12
C ALA B 236 3.49 8.33 10.95
N ALA B 237 4.81 8.01 10.93
CA ALA B 237 5.44 6.94 11.71
C ALA B 237 5.49 7.34 13.18
N LEU B 238 5.88 8.60 13.49
CA LEU B 238 5.94 9.09 14.88
C LEU B 238 4.53 9.24 15.48
N GLU B 239 3.54 9.59 14.64
CA GLU B 239 2.12 9.74 15.02
C GLU B 239 1.52 8.38 15.29
N ALA B 240 2.07 7.31 14.65
CA ALA B 240 1.64 5.92 14.87
C ALA B 240 2.10 5.52 16.28
N PHE B 241 3.28 6.01 16.72
CA PHE B 241 3.83 5.77 18.06
C PHE B 241 3.08 6.54 19.15
N ASN B 242 2.50 7.70 18.81
CA ASN B 242 1.82 8.58 19.76
C ASN B 242 0.29 8.43 19.84
N SER B 243 -0.34 7.84 18.81
CA SER B 243 -1.80 7.65 18.78
C SER B 243 -2.26 6.56 19.74
N LYS C 1 4.77 6.64 -1.88
CA LYS C 1 3.60 6.11 -1.18
C LYS C 1 3.37 6.86 0.12
N ARG C 2 2.09 7.12 0.46
CA ARG C 2 1.73 7.86 1.68
C ARG C 2 0.30 7.58 2.16
N LYS C 3 0.18 6.96 3.36
CA LYS C 3 -1.07 6.65 4.08
C LYS C 3 -1.18 7.65 5.24
N ARG C 4 -2.39 8.18 5.52
CA ARG C 4 -2.62 9.14 6.60
C ARG C 4 -3.98 8.97 7.24
N LYS C 5 -4.03 9.08 8.56
CA LYS C 5 -5.27 9.06 9.34
C LYS C 5 -5.97 10.41 9.17
N ARG C 6 -7.30 10.38 9.13
CA ARG C 6 -8.11 11.58 9.07
C ARG C 6 -8.49 11.88 10.53
N LYS C 7 -7.85 12.90 11.13
CA LYS C 7 -8.09 13.25 12.53
C LYS C 7 -8.73 14.64 12.72
N ARG C 8 -9.40 14.82 13.88
CA ARG C 8 -10.07 16.03 14.32
C ARG C 8 -9.91 16.22 15.84
N ARG D 2 18.94 -1.45 -19.16
CA ARG D 2 18.76 -1.71 -17.73
C ARG D 2 18.11 -0.52 -17.02
#